data_5F3M
#
_entry.id   5F3M
#
_cell.length_a   87.974
_cell.length_b   87.974
_cell.length_c   104.549
_cell.angle_alpha   90.00
_cell.angle_beta   90.00
_cell.angle_gamma   90.00
#
_symmetry.space_group_name_H-M   'P 4 21 2'
#
loop_
_entity.id
_entity.type
_entity.pdbx_description
1 polymer '7,8-dihydroneopterin aldolase'
2 non-polymer L-NEOPTERIN
3 non-polymer 'NICKEL (II) ION'
4 non-polymer 1,2-ETHANEDIOL
5 non-polymer 'CHLORIDE ION'
6 non-polymer 'FORMIC ACID'
7 water water
#
_entity_poly.entity_id   1
_entity_poly.type   'polypeptide(L)'
_entity_poly.pdbx_seq_one_letter_code
;SNA(MSE)DKIYIHD(MSE)EFYGYHGVFPEENKLGQRFKVDLTVELDLKRAGESDDLEHSVNYGELFELCRKVVEDRTY
KLVESIAENIATDILKQYESISRCTIKVIKPDPPIPGHYRAVAVEITRERP
;
_entity_poly.pdbx_strand_id   A,B
#
# COMPACT_ATOMS: atom_id res chain seq x y z
N ASP A 5 -1.68 13.01 -26.16
CA ASP A 5 -1.08 13.19 -24.85
C ASP A 5 -1.64 12.18 -23.85
N LYS A 6 -0.90 11.93 -22.78
CA LYS A 6 -1.26 10.88 -21.83
C LYS A 6 -1.13 11.34 -20.38
N ILE A 7 -2.04 10.85 -19.54
CA ILE A 7 -1.84 10.80 -18.10
C ILE A 7 -1.62 9.34 -17.72
N TYR A 8 -0.62 9.10 -16.87
CA TYR A 8 -0.31 7.77 -16.37
C TYR A 8 -0.46 7.75 -14.85
N ILE A 9 -0.90 6.61 -14.33
CA ILE A 9 -0.67 6.25 -12.94
C ILE A 9 0.00 4.87 -12.94
N HIS A 10 1.20 4.79 -12.37
CA HIS A 10 2.04 3.61 -12.47
C HIS A 10 1.97 2.79 -11.19
N ASP A 11 1.70 1.49 -11.34
CA ASP A 11 1.92 0.50 -10.29
C ASP A 11 1.11 0.82 -9.03
N GLU A 13 -1.10 -0.32 -6.12
CA GLU A 13 -1.18 -1.59 -5.44
C GLU A 13 -2.40 -1.61 -4.53
N PHE A 14 -3.21 -2.65 -4.68
CA PHE A 14 -4.40 -2.84 -3.87
C PHE A 14 -4.39 -4.26 -3.31
N TYR A 15 -5.02 -4.44 -2.15
CA TYR A 15 -5.29 -5.78 -1.67
C TYR A 15 -6.74 -6.10 -2.00
N GLY A 16 -6.97 -7.22 -2.67
CA GLY A 16 -8.30 -7.57 -3.14
C GLY A 16 -8.55 -9.06 -3.02
N TYR A 17 -9.75 -9.47 -3.41
CA TYR A 17 -10.24 -10.83 -3.19
C TYR A 17 -10.66 -11.53 -4.47
N HIS A 18 -10.30 -10.97 -5.63
CA HIS A 18 -10.69 -11.53 -6.91
C HIS A 18 -10.03 -12.88 -7.14
N GLY A 19 -10.69 -13.73 -7.91
CA GLY A 19 -10.10 -15.00 -8.30
C GLY A 19 -11.14 -16.06 -8.62
N VAL A 20 -10.72 -17.02 -9.46
CA VAL A 20 -11.57 -18.13 -9.85
C VAL A 20 -11.77 -19.11 -8.70
N PHE A 21 -10.71 -19.34 -7.89
CA PHE A 21 -10.83 -20.34 -6.84
C PHE A 21 -11.47 -19.72 -5.60
N PRO A 22 -12.40 -20.42 -4.95
CA PRO A 22 -12.99 -19.88 -3.72
C PRO A 22 -11.96 -19.56 -2.65
N GLU A 23 -10.86 -20.31 -2.62
CA GLU A 23 -9.82 -20.04 -1.63
C GLU A 23 -9.19 -18.67 -1.85
N GLU A 24 -9.07 -18.24 -3.11
CA GLU A 24 -8.58 -16.89 -3.37
C GLU A 24 -9.54 -15.84 -2.86
N ASN A 25 -10.86 -16.09 -2.99
CA ASN A 25 -11.83 -15.11 -2.53
C ASN A 25 -11.81 -14.98 -1.01
N LYS A 26 -11.37 -16.05 -0.31
CA LYS A 26 -11.25 -16.00 1.14
C LYS A 26 -9.96 -15.30 1.58
N LEU A 27 -8.83 -15.68 0.99
CA LEU A 27 -7.54 -15.19 1.47
C LEU A 27 -7.22 -13.79 0.95
N GLY A 28 -7.55 -13.51 -0.31
CA GLY A 28 -7.10 -12.29 -0.94
C GLY A 28 -5.64 -12.37 -1.37
N GLN A 29 -5.20 -11.31 -2.04
CA GLN A 29 -3.84 -11.20 -2.54
C GLN A 29 -3.63 -9.79 -3.09
N ARG A 30 -2.37 -9.49 -3.42
CA ARG A 30 -2.04 -8.22 -4.07
C ARG A 30 -2.62 -8.18 -5.47
N PHE A 31 -3.08 -7.00 -5.88
CA PHE A 31 -3.36 -6.69 -7.27
C PHE A 31 -2.71 -5.36 -7.59
N LYS A 32 -2.13 -5.27 -8.78
CA LYS A 32 -1.53 -4.02 -9.23
C LYS A 32 -2.24 -3.55 -10.50
N VAL A 33 -2.26 -2.24 -10.71
CA VAL A 33 -2.90 -1.67 -11.89
C VAL A 33 -1.99 -0.58 -12.45
N ASP A 34 -1.78 -0.62 -13.77
CA ASP A 34 -1.19 0.50 -14.51
C ASP A 34 -2.30 1.12 -15.34
N LEU A 35 -2.41 2.44 -15.28
CA LEU A 35 -3.42 3.18 -16.01
C LEU A 35 -2.75 4.14 -16.99
N THR A 36 -3.29 4.18 -18.20
CA THR A 36 -2.96 5.20 -19.19
C THR A 36 -4.27 5.75 -19.73
N VAL A 37 -4.43 7.06 -19.76
CA VAL A 37 -5.57 7.69 -20.42
C VAL A 37 -5.05 8.69 -21.45
N GLU A 38 -5.75 8.77 -22.59
CA GLU A 38 -5.37 9.64 -23.69
C GLU A 38 -6.35 10.78 -23.80
N LEU A 39 -5.82 12.00 -23.86
CA LEU A 39 -6.60 13.24 -23.91
C LEU A 39 -5.66 14.34 -24.37
N ASP A 40 -6.26 15.43 -24.86
N ASP A 40 -6.23 15.48 -24.79
CA ASP A 40 -5.48 16.62 -25.18
CA ASP A 40 -5.43 16.60 -25.27
C ASP A 40 -5.07 17.29 -23.88
C ASP A 40 -5.06 17.50 -24.09
N LEU A 41 -3.77 17.52 -23.72
CA LEU A 41 -3.28 18.25 -22.55
C LEU A 41 -2.79 19.65 -22.88
N LYS A 42 -2.85 20.08 -24.15
N LYS A 42 -2.80 20.06 -24.16
CA LYS A 42 -2.28 21.37 -24.53
CA LYS A 42 -2.18 21.33 -24.54
C LYS A 42 -3.01 22.54 -23.88
C LYS A 42 -2.88 22.51 -23.88
N ARG A 43 -4.35 22.51 -23.86
N ARG A 43 -4.21 22.52 -23.85
CA ARG A 43 -5.10 23.60 -23.22
CA ARG A 43 -4.93 23.64 -23.25
C ARG A 43 -4.71 23.73 -21.75
C ARG A 43 -4.65 23.74 -21.75
N ALA A 44 -4.53 22.60 -21.07
CA ALA A 44 -4.15 22.64 -19.66
C ALA A 44 -2.71 23.11 -19.51
N GLY A 45 -1.81 22.64 -20.37
CA GLY A 45 -0.42 23.03 -20.27
C GLY A 45 -0.18 24.49 -20.58
N GLU A 46 -1.05 25.11 -21.40
CA GLU A 46 -0.91 26.53 -21.70
C GLU A 46 -1.60 27.42 -20.68
N SER A 47 -2.67 26.93 -20.06
CA SER A 47 -3.47 27.74 -19.15
C SER A 47 -3.12 27.54 -17.68
N ASP A 48 -2.51 26.40 -17.34
CA ASP A 48 -2.25 26.00 -15.96
C ASP A 48 -3.54 25.79 -15.16
N ASP A 49 -4.65 25.48 -15.85
N ASP A 49 -4.64 25.50 -15.83
CA ASP A 49 -5.97 25.34 -15.24
CA ASP A 49 -5.94 25.36 -15.19
C ASP A 49 -6.36 23.87 -15.25
C ASP A 49 -6.37 23.90 -15.24
N LEU A 50 -6.49 23.28 -14.05
CA LEU A 50 -6.86 21.87 -13.96
C LEU A 50 -8.21 21.56 -14.61
N GLU A 51 -9.10 22.54 -14.75
CA GLU A 51 -10.38 22.28 -15.39
C GLU A 51 -10.23 21.81 -16.83
N HIS A 52 -9.11 22.10 -17.48
CA HIS A 52 -8.86 21.66 -18.85
C HIS A 52 -8.14 20.31 -18.92
N SER A 53 -7.97 19.65 -17.79
CA SER A 53 -7.40 18.30 -17.77
C SER A 53 -8.32 17.41 -16.94
N VAL A 54 -7.77 16.27 -16.49
CA VAL A 54 -8.48 15.33 -15.63
C VAL A 54 -7.65 15.12 -14.37
N ASN A 55 -8.28 15.28 -13.22
CA ASN A 55 -7.61 15.18 -11.93
C ASN A 55 -7.14 13.74 -11.70
N TYR A 56 -5.82 13.53 -11.64
CA TYR A 56 -5.36 12.15 -11.52
C TYR A 56 -5.68 11.52 -10.17
N GLY A 57 -5.95 12.32 -9.14
CA GLY A 57 -6.42 11.75 -7.88
C GLY A 57 -7.77 11.09 -8.02
N GLU A 58 -8.64 11.66 -8.85
CA GLU A 58 -9.93 11.02 -9.14
C GLU A 58 -9.74 9.73 -9.89
N LEU A 59 -8.78 9.70 -10.84
CA LEU A 59 -8.51 8.46 -11.56
C LEU A 59 -8.03 7.36 -10.62
N PHE A 60 -7.18 7.71 -9.66
CA PHE A 60 -6.74 6.71 -8.69
C PHE A 60 -7.93 6.13 -7.93
N GLU A 61 -8.81 7.00 -7.43
CA GLU A 61 -9.94 6.53 -6.63
C GLU A 61 -10.88 5.66 -7.46
N LEU A 62 -11.06 6.01 -8.75
CA LEU A 62 -11.88 5.18 -9.63
C LEU A 62 -11.34 3.76 -9.71
N CYS A 63 -10.02 3.62 -9.85
CA CYS A 63 -9.41 2.29 -9.88
C CYS A 63 -9.56 1.57 -8.54
N ARG A 64 -9.31 2.30 -7.44
CA ARG A 64 -9.41 1.69 -6.12
C ARG A 64 -10.79 1.10 -5.87
N LYS A 65 -11.84 1.81 -6.28
CA LYS A 65 -13.21 1.31 -6.09
C LYS A 65 -13.41 -0.04 -6.77
N VAL A 66 -12.95 -0.18 -8.01
CA VAL A 66 -13.14 -1.44 -8.72
C VAL A 66 -12.37 -2.57 -8.03
N VAL A 67 -11.11 -2.31 -7.63
CA VAL A 67 -10.27 -3.40 -7.14
C VAL A 67 -10.59 -3.77 -5.70
N GLU A 68 -10.89 -2.76 -4.86
CA GLU A 68 -11.08 -3.02 -3.42
C GLU A 68 -12.52 -3.19 -3.01
N ASP A 69 -13.47 -2.54 -3.68
CA ASP A 69 -14.86 -2.53 -3.25
C ASP A 69 -15.74 -3.53 -3.98
N ARG A 70 -15.17 -4.30 -4.91
CA ARG A 70 -15.88 -5.33 -5.64
C ARG A 70 -15.03 -6.58 -5.66
N THR A 71 -15.65 -7.72 -5.97
CA THR A 71 -14.94 -8.98 -6.10
C THR A 71 -15.44 -9.73 -7.34
N TYR A 72 -14.53 -9.97 -8.28
CA TYR A 72 -14.81 -10.69 -9.51
C TYR A 72 -14.01 -11.98 -9.54
N LYS A 73 -14.42 -12.90 -10.42
CA LYS A 73 -13.59 -14.08 -10.66
C LYS A 73 -12.33 -13.74 -11.45
N LEU A 74 -12.46 -12.91 -12.49
CA LEU A 74 -11.40 -12.71 -13.47
C LEU A 74 -10.75 -11.35 -13.36
N VAL A 75 -9.43 -11.31 -13.58
CA VAL A 75 -8.77 -10.01 -13.73
C VAL A 75 -9.30 -9.26 -14.95
N GLU A 76 -9.75 -10.01 -15.98
CA GLU A 76 -10.40 -9.39 -17.14
C GLU A 76 -11.55 -8.47 -16.71
N SER A 77 -12.35 -8.89 -15.73
CA SER A 77 -13.48 -8.08 -15.28
C SER A 77 -13.01 -6.82 -14.56
N ILE A 78 -11.91 -6.88 -13.82
CA ILE A 78 -11.36 -5.67 -13.20
C ILE A 78 -11.00 -4.66 -14.27
N ALA A 79 -10.21 -5.09 -15.27
CA ALA A 79 -9.78 -4.19 -16.32
C ALA A 79 -10.97 -3.61 -17.08
N GLU A 80 -11.94 -4.46 -17.44
CA GLU A 80 -13.07 -4.01 -18.24
C GLU A 80 -13.89 -2.98 -17.47
N ASN A 81 -14.10 -3.20 -16.17
CA ASN A 81 -14.90 -2.26 -15.40
C ASN A 81 -14.17 -0.94 -15.18
N ILE A 82 -12.86 -0.97 -14.99
CA ILE A 82 -12.11 0.28 -14.86
C ILE A 82 -12.24 1.10 -16.15
N ALA A 83 -12.02 0.45 -17.31
CA ALA A 83 -12.10 1.17 -18.57
C ALA A 83 -13.49 1.74 -18.82
N THR A 84 -14.53 0.94 -18.54
CA THR A 84 -15.89 1.43 -18.71
C THR A 84 -16.17 2.64 -17.83
N ASP A 85 -15.74 2.59 -16.56
CA ASP A 85 -15.99 3.71 -15.66
C ASP A 85 -15.27 4.96 -16.12
N ILE A 86 -14.04 4.83 -16.61
CA ILE A 86 -13.27 5.99 -17.07
C ILE A 86 -13.99 6.67 -18.23
N LEU A 87 -14.37 5.90 -19.24
CA LEU A 87 -14.98 6.47 -20.43
C LEU A 87 -16.35 7.08 -20.13
N LYS A 88 -17.10 6.47 -19.21
N LYS A 88 -17.10 6.47 -19.22
CA LYS A 88 -18.40 6.99 -18.82
CA LYS A 88 -18.40 7.02 -18.85
C LYS A 88 -18.25 8.35 -18.12
C LYS A 88 -18.26 8.36 -18.13
N GLN A 89 -17.23 8.50 -17.28
N GLN A 89 -17.23 8.48 -17.27
CA GLN A 89 -17.14 9.65 -16.40
CA GLN A 89 -17.12 9.66 -16.42
C GLN A 89 -16.34 10.81 -16.98
C GLN A 89 -16.47 10.83 -17.13
N TYR A 90 -15.46 10.58 -17.95
CA TYR A 90 -14.58 11.62 -18.50
C TYR A 90 -14.73 11.71 -20.01
N GLU A 91 -15.62 12.60 -20.47
CA GLU A 91 -15.85 12.75 -21.90
C GLU A 91 -14.59 13.22 -22.63
N SER A 92 -13.68 13.91 -21.94
CA SER A 92 -12.48 14.41 -22.60
C SER A 92 -11.41 13.35 -22.81
N ILE A 93 -11.55 12.19 -22.19
CA ILE A 93 -10.63 11.08 -22.43
C ILE A 93 -11.16 10.30 -23.63
N SER A 94 -10.33 10.18 -24.66
N SER A 94 -10.34 10.17 -24.67
CA SER A 94 -10.71 9.52 -25.90
CA SER A 94 -10.79 9.49 -25.88
C SER A 94 -10.49 8.01 -25.86
C SER A 94 -10.48 8.00 -25.88
N ARG A 95 -9.49 7.56 -25.11
CA ARG A 95 -9.10 6.16 -25.11
C ARG A 95 -8.33 5.90 -23.83
N CYS A 96 -8.35 4.65 -23.37
CA CYS A 96 -7.57 4.29 -22.20
C CYS A 96 -7.00 2.89 -22.36
N THR A 97 -5.88 2.65 -21.68
CA THR A 97 -5.25 1.34 -21.62
C THR A 97 -5.11 0.98 -20.15
N ILE A 98 -5.72 -0.13 -19.75
CA ILE A 98 -5.71 -0.59 -18.37
C ILE A 98 -5.01 -1.93 -18.30
N LYS A 99 -3.99 -2.04 -17.46
CA LYS A 99 -3.28 -3.28 -17.23
C LYS A 99 -3.52 -3.70 -15.78
N VAL A 100 -4.07 -4.90 -15.58
CA VAL A 100 -4.32 -5.43 -14.25
C VAL A 100 -3.35 -6.59 -14.04
N ILE A 101 -2.56 -6.52 -12.96
N ILE A 101 -2.58 -6.52 -12.95
CA ILE A 101 -1.46 -7.43 -12.70
CA ILE A 101 -1.48 -7.43 -12.68
C ILE A 101 -1.76 -8.23 -11.43
C ILE A 101 -1.79 -8.23 -11.43
N LYS A 102 -1.58 -9.54 -11.50
CA LYS A 102 -1.70 -10.42 -10.35
C LYS A 102 -0.30 -10.95 -10.11
N PRO A 103 0.47 -10.37 -9.17
CA PRO A 103 1.87 -10.79 -9.02
C PRO A 103 2.05 -12.07 -8.23
N ASP A 104 1.05 -12.47 -7.43
CA ASP A 104 1.18 -13.60 -6.51
C ASP A 104 0.08 -14.64 -6.73
N PRO A 105 -0.19 -15.03 -7.97
CA PRO A 105 -1.28 -15.99 -8.22
C PRO A 105 -0.92 -17.38 -7.70
N PRO A 106 -1.90 -18.26 -7.54
CA PRO A 106 -1.64 -19.61 -7.03
C PRO A 106 -1.18 -20.60 -8.11
N ILE A 107 -0.12 -20.22 -8.82
CA ILE A 107 0.46 -21.01 -9.89
C ILE A 107 1.79 -21.58 -9.39
N PRO A 108 1.93 -22.89 -9.24
CA PRO A 108 3.23 -23.44 -8.80
C PRO A 108 4.27 -23.23 -9.89
N GLY A 109 5.29 -22.46 -9.57
CA GLY A 109 6.30 -22.11 -10.55
C GLY A 109 7.01 -20.83 -10.13
N HIS A 110 7.85 -20.34 -11.04
CA HIS A 110 8.70 -19.18 -10.78
C HIS A 110 8.51 -18.16 -11.89
N TYR A 111 8.06 -16.96 -11.52
CA TYR A 111 7.70 -15.90 -12.47
C TYR A 111 7.57 -14.61 -11.66
N ARG A 112 7.49 -13.49 -12.38
N ARG A 112 7.50 -13.49 -12.38
CA ARG A 112 7.24 -12.22 -11.70
CA ARG A 112 7.24 -12.21 -11.71
C ARG A 112 5.74 -11.96 -11.53
C ARG A 112 5.75 -11.95 -11.54
N ALA A 113 4.95 -12.16 -12.58
CA ALA A 113 3.54 -11.81 -12.52
C ALA A 113 2.81 -12.35 -13.74
N VAL A 114 1.49 -12.44 -13.62
CA VAL A 114 0.60 -12.58 -14.77
C VAL A 114 -0.23 -11.30 -14.86
N ALA A 115 -0.75 -11.02 -16.07
CA ALA A 115 -1.48 -9.77 -16.25
C ALA A 115 -2.39 -9.83 -17.46
N VAL A 116 -3.41 -8.97 -17.45
CA VAL A 116 -4.22 -8.68 -18.64
C VAL A 116 -4.12 -7.20 -18.95
N GLU A 117 -4.25 -6.86 -20.23
CA GLU A 117 -4.18 -5.47 -20.65
C GLU A 117 -5.19 -5.25 -21.76
N ILE A 118 -5.99 -4.20 -21.64
CA ILE A 118 -6.99 -3.87 -22.64
C ILE A 118 -6.89 -2.39 -23.00
N THR A 119 -7.26 -2.07 -24.23
CA THR A 119 -7.40 -0.70 -24.69
C THR A 119 -8.83 -0.49 -25.16
N ARG A 120 -9.48 0.54 -24.65
CA ARG A 120 -10.89 0.78 -24.93
C ARG A 120 -11.13 2.21 -25.36
N GLU A 121 -12.06 2.39 -26.30
CA GLU A 121 -12.57 3.70 -26.69
C GLU A 121 -14.06 3.57 -26.95
N ARG A 122 -14.73 4.70 -27.17
CA ARG A 122 -16.16 4.70 -27.44
C ARG A 122 -16.43 4.34 -28.91
N PRO A 123 -17.63 3.82 -29.21
CA PRO A 123 -18.04 3.54 -30.59
C PRO A 123 -18.01 4.79 -31.47
N ASP B 5 15.98 -15.55 18.65
CA ASP B 5 15.23 -15.71 17.41
C ASP B 5 14.40 -14.46 17.12
N LYS B 6 14.05 -14.28 15.84
CA LYS B 6 13.38 -13.04 15.43
C LYS B 6 12.21 -13.31 14.51
N ILE B 7 11.17 -12.48 14.65
CA ILE B 7 10.16 -12.31 13.61
C ILE B 7 10.39 -10.94 13.00
N TYR B 8 10.33 -10.87 11.66
CA TYR B 8 10.44 -9.62 10.92
C TYR B 8 9.18 -9.34 10.12
N ILE B 9 8.83 -8.06 10.01
CA ILE B 9 7.94 -7.58 8.96
C ILE B 9 8.69 -6.46 8.25
N HIS B 10 8.97 -6.65 6.96
CA HIS B 10 9.83 -5.75 6.20
C HIS B 10 9.02 -4.78 5.35
N ASP B 11 9.32 -3.49 5.49
N ASP B 11 9.35 -3.49 5.49
CA ASP B 11 8.87 -2.47 4.54
CA ASP B 11 8.90 -2.42 4.61
C ASP B 11 7.34 -2.38 4.45
C ASP B 11 7.37 -2.38 4.47
N GLU B 13 4.14 -0.33 4.26
CA GLU B 13 3.91 1.00 3.71
C GLU B 13 2.53 1.50 4.12
N PHE B 14 2.51 2.70 4.71
CA PHE B 14 1.28 3.33 5.15
C PHE B 14 1.22 4.74 4.60
N TYR B 15 0.02 5.28 4.46
CA TYR B 15 -0.16 6.70 4.19
C TYR B 15 -0.64 7.35 5.48
N GLY B 16 0.08 8.38 5.93
CA GLY B 16 -0.22 9.01 7.20
C GLY B 16 -0.03 10.52 7.13
N TYR B 17 -0.28 11.17 8.27
CA TYR B 17 -0.35 12.63 8.30
C TYR B 17 0.63 13.24 9.30
N HIS B 18 1.60 12.46 9.77
CA HIS B 18 2.51 12.94 10.78
C HIS B 18 3.43 14.01 10.21
N GLY B 19 3.90 14.89 11.09
CA GLY B 19 4.87 15.88 10.66
C GLY B 19 4.88 17.13 11.52
N VAL B 20 6.04 17.79 11.55
CA VAL B 20 6.20 19.02 12.32
C VAL B 20 5.44 20.17 11.67
N PHE B 21 5.41 20.21 10.30
CA PHE B 21 4.78 21.34 9.62
C PHE B 21 3.30 21.10 9.44
N PRO B 22 2.45 22.10 9.68
CA PRO B 22 1.01 21.90 9.50
C PRO B 22 0.65 21.48 8.10
N GLU B 23 1.41 21.91 7.09
CA GLU B 23 1.14 21.51 5.73
C GLU B 23 1.28 19.99 5.56
N GLU B 24 2.23 19.38 6.27
CA GLU B 24 2.35 17.93 6.24
C GLU B 24 1.13 17.26 6.85
N ASN B 25 0.59 17.85 7.91
CA ASN B 25 -0.58 17.28 8.57
C ASN B 25 -1.80 17.33 7.64
N LYS B 26 -1.83 18.31 6.73
CA LYS B 26 -2.93 18.41 5.76
C LYS B 26 -2.74 17.45 4.59
N LEU B 27 -1.55 17.44 3.98
CA LEU B 27 -1.34 16.67 2.75
C LEU B 27 -1.13 15.19 3.02
N GLY B 28 -0.43 14.85 4.09
CA GLY B 28 0.00 13.48 4.30
C GLY B 28 1.16 13.10 3.39
N GLN B 29 1.65 11.87 3.57
CA GLN B 29 2.76 11.33 2.79
C GLN B 29 2.92 9.86 3.14
N ARG B 30 3.80 9.17 2.40
CA ARG B 30 4.16 7.80 2.72
C ARG B 30 4.93 7.73 4.03
N PHE B 31 4.67 6.67 4.79
CA PHE B 31 5.53 6.25 5.88
C PHE B 31 5.78 4.76 5.73
N LYS B 32 7.00 4.33 6.02
CA LYS B 32 7.35 2.92 5.98
C LYS B 32 7.83 2.50 7.37
N VAL B 33 7.62 1.23 7.70
CA VAL B 33 8.05 0.69 8.98
C VAL B 33 8.72 -0.66 8.75
N ASP B 34 9.88 -0.86 9.38
CA ASP B 34 10.48 -2.19 9.51
C ASP B 34 10.34 -2.60 10.96
N LEU B 35 9.87 -3.83 11.19
CA LEU B 35 9.68 -4.36 12.53
C LEU B 35 10.56 -5.58 12.74
N THR B 36 11.22 -5.64 13.89
CA THR B 36 11.91 -6.84 14.38
C THR B 36 11.45 -7.06 15.82
N VAL B 37 11.02 -8.28 16.13
CA VAL B 37 10.74 -8.65 17.51
C VAL B 37 11.57 -9.88 17.87
N GLU B 38 12.06 -9.91 19.11
CA GLU B 38 12.90 -11.00 19.60
C GLU B 38 12.13 -11.83 20.61
N LEU B 39 12.15 -13.15 20.40
CA LEU B 39 11.43 -14.11 21.23
C LEU B 39 11.99 -15.49 20.91
N ASP B 40 11.78 -16.42 21.83
N ASP B 40 11.73 -16.45 21.78
CA ASP B 40 12.11 -17.81 21.53
CA ASP B 40 12.24 -17.81 21.56
C ASP B 40 11.15 -18.33 20.49
C ASP B 40 11.26 -18.59 20.66
N LEU B 41 11.70 -18.92 19.44
CA LEU B 41 10.86 -19.60 18.45
C LEU B 41 11.05 -21.12 18.44
N LYS B 42 11.93 -21.66 19.28
CA LYS B 42 12.21 -23.10 19.23
C LYS B 42 10.98 -23.93 19.59
N ARG B 43 10.24 -23.53 20.62
N ARG B 43 10.24 -23.53 20.63
CA ARG B 43 9.05 -24.30 21.00
CA ARG B 43 9.06 -24.30 20.99
C ARG B 43 8.03 -24.31 19.87
C ARG B 43 8.04 -24.32 19.85
N ALA B 44 7.89 -23.19 19.16
CA ALA B 44 7.01 -23.15 18.00
C ALA B 44 7.55 -24.01 16.86
N GLY B 45 8.85 -23.91 16.57
CA GLY B 45 9.42 -24.68 15.47
C GLY B 45 9.42 -26.18 15.72
N GLU B 46 9.43 -26.60 16.98
CA GLU B 46 9.35 -28.02 17.30
C GLU B 46 7.93 -28.56 17.30
N SER B 47 6.96 -27.75 17.72
CA SER B 47 5.58 -28.19 17.89
C SER B 47 4.69 -27.89 16.69
N ASP B 48 5.08 -26.94 15.84
CA ASP B 48 4.21 -26.42 14.77
C ASP B 48 2.95 -25.75 15.33
N ASP B 49 2.98 -25.29 16.58
N ASP B 49 2.96 -25.30 16.59
CA ASP B 49 1.82 -24.71 17.25
CA ASP B 49 1.80 -24.73 17.25
C ASP B 49 2.01 -23.20 17.35
C ASP B 49 1.98 -23.21 17.37
N LEU B 50 1.11 -22.45 16.71
CA LEU B 50 1.22 -21.00 16.70
C LEU B 50 1.12 -20.39 18.11
N GLU B 51 0.50 -21.07 19.06
N GLU B 51 0.50 -21.08 19.06
CA GLU B 51 0.42 -20.54 20.41
CA GLU B 51 0.41 -20.58 20.43
C GLU B 51 1.78 -20.37 21.07
C GLU B 51 1.79 -20.35 21.05
N HIS B 52 2.83 -20.97 20.51
CA HIS B 52 4.19 -20.77 21.00
C HIS B 52 4.91 -19.64 20.30
N SER B 53 4.24 -18.89 19.42
CA SER B 53 4.86 -17.76 18.76
C SER B 53 3.92 -16.57 18.86
N VAL B 54 4.14 -15.56 18.02
CA VAL B 54 3.28 -14.38 17.95
C VAL B 54 2.80 -14.25 16.51
N ASN B 55 1.49 -14.07 16.35
CA ASN B 55 0.88 -13.99 15.03
C ASN B 55 1.34 -12.73 14.32
N TYR B 56 2.06 -12.89 13.20
CA TYR B 56 2.58 -11.68 12.57
C TYR B 56 1.51 -10.80 11.93
N GLY B 57 0.33 -11.35 11.64
CA GLY B 57 -0.77 -10.50 11.19
C GLY B 57 -1.19 -9.52 12.26
N GLU B 58 -1.18 -9.95 13.52
CA GLU B 58 -1.49 -9.04 14.62
C GLU B 58 -0.43 -7.95 14.75
N LEU B 59 0.85 -8.32 14.57
CA LEU B 59 1.91 -7.33 14.62
C LEU B 59 1.75 -6.29 13.52
N PHE B 60 1.39 -6.73 12.30
CA PHE B 60 1.12 -5.77 11.23
C PHE B 60 0.03 -4.78 11.63
N GLU B 61 -1.09 -5.30 12.15
CA GLU B 61 -2.22 -4.43 12.51
C GLU B 61 -1.83 -3.45 13.61
N LEU B 62 -1.02 -3.91 14.58
CA LEU B 62 -0.56 -3.02 15.64
C LEU B 62 0.19 -1.82 15.06
N CYS B 63 1.05 -2.08 14.08
CA CYS B 63 1.79 -1.00 13.43
C CYS B 63 0.85 -0.09 12.64
N ARG B 64 -0.07 -0.68 11.88
CA ARG B 64 -1.01 0.10 11.09
C ARG B 64 -1.79 1.08 11.96
N LYS B 65 -2.26 0.62 13.13
CA LYS B 65 -3.02 1.48 14.01
C LYS B 65 -2.23 2.73 14.39
N VAL B 66 -0.97 2.57 14.75
CA VAL B 66 -0.16 3.71 15.17
C VAL B 66 0.04 4.68 14.01
N VAL B 67 0.35 4.15 12.81
CA VAL B 67 0.73 5.04 11.71
C VAL B 67 -0.48 5.68 11.05
N GLU B 68 -1.58 4.94 10.91
CA GLU B 68 -2.73 5.42 10.16
C GLU B 68 -3.83 6.02 11.02
N ASP B 69 -3.98 5.59 12.28
CA ASP B 69 -5.10 6.01 13.10
C ASP B 69 -4.73 7.09 14.12
N ARG B 70 -3.48 7.53 14.10
CA ARG B 70 -3.00 8.58 14.98
C ARG B 70 -2.17 9.55 14.15
N THR B 71 -1.97 10.76 14.68
CA THR B 71 -1.14 11.77 14.01
C THR B 71 -0.25 12.44 15.04
N TYR B 72 1.06 12.29 14.86
CA TYR B 72 2.07 12.88 15.71
C TYR B 72 2.90 13.88 14.91
N LYS B 73 3.62 14.75 15.63
N LYS B 73 3.64 14.71 15.64
CA LYS B 73 4.58 15.61 14.93
CA LYS B 73 4.58 15.64 15.02
C LYS B 73 5.79 14.80 14.47
C LYS B 73 5.86 14.94 14.57
N LEU B 74 6.32 13.94 15.32
CA LEU B 74 7.62 13.31 15.11
C LEU B 74 7.53 11.84 14.73
N VAL B 75 8.42 11.41 13.84
CA VAL B 75 8.55 9.98 13.58
C VAL B 75 9.01 9.23 14.83
N GLU B 76 9.77 9.91 15.71
CA GLU B 76 10.15 9.30 16.99
C GLU B 76 8.92 8.83 17.77
N SER B 77 7.82 9.60 17.72
CA SER B 77 6.61 9.21 18.44
C SER B 77 5.97 7.98 17.83
N ILE B 78 6.02 7.85 16.51
CA ILE B 78 5.51 6.63 15.87
C ILE B 78 6.29 5.43 16.38
N ALA B 79 7.62 5.50 16.32
CA ALA B 79 8.46 4.38 16.74
C ALA B 79 8.22 4.03 18.19
N GLU B 80 8.18 5.05 19.06
CA GLU B 80 8.05 4.80 20.50
C GLU B 80 6.72 4.15 20.82
N ASN B 81 5.64 4.59 20.17
CA ASN B 81 4.32 4.03 20.46
C ASN B 81 4.19 2.60 19.96
N ILE B 82 4.76 2.30 18.77
CA ILE B 82 4.76 0.92 18.29
C ILE B 82 5.49 0.01 19.28
N ALA B 83 6.70 0.41 19.70
CA ALA B 83 7.47 -0.40 20.63
C ALA B 83 6.72 -0.61 21.95
N THR B 84 6.16 0.47 22.50
CA THR B 84 5.42 0.36 23.75
C THR B 84 4.24 -0.59 23.61
N ASP B 85 3.50 -0.49 22.51
CA ASP B 85 2.34 -1.36 22.32
C ASP B 85 2.75 -2.83 22.21
N ILE B 86 3.84 -3.10 21.47
CA ILE B 86 4.32 -4.48 21.33
C ILE B 86 4.63 -5.08 22.69
N LEU B 87 5.44 -4.39 23.49
CA LEU B 87 5.87 -4.93 24.77
C LEU B 87 4.70 -5.08 25.75
N LYS B 88 3.71 -4.18 25.67
N LYS B 88 3.73 -4.17 25.69
CA LYS B 88 2.54 -4.28 26.53
CA LYS B 88 2.54 -4.31 26.54
C LYS B 88 1.68 -5.48 26.17
C LYS B 88 1.74 -5.55 26.17
N GLN B 89 1.53 -5.77 24.87
CA GLN B 89 0.60 -6.79 24.41
C GLN B 89 1.18 -8.20 24.35
N TYR B 90 2.50 -8.34 24.23
CA TYR B 90 3.13 -9.64 23.98
C TYR B 90 4.22 -9.91 25.01
N GLU B 91 3.83 -10.55 26.12
N GLU B 91 3.84 -10.55 26.13
CA GLU B 91 4.78 -10.85 27.20
CA GLU B 91 4.79 -10.82 27.19
C GLU B 91 5.94 -11.72 26.71
C GLU B 91 5.91 -11.78 26.75
N SER B 92 5.71 -12.53 25.67
CA SER B 92 6.74 -13.44 25.20
C SER B 92 7.82 -12.75 24.36
N ILE B 93 7.58 -11.51 23.93
CA ILE B 93 8.57 -10.75 23.20
C ILE B 93 9.44 -10.02 24.21
N SER B 94 10.75 -10.29 24.16
N SER B 94 10.75 -10.29 24.18
CA SER B 94 11.70 -9.74 25.12
CA SER B 94 11.64 -9.67 25.15
C SER B 94 12.26 -8.38 24.70
C SER B 94 12.20 -8.34 24.70
N ARG B 95 12.34 -8.13 23.39
CA ARG B 95 12.94 -6.92 22.87
C ARG B 95 12.40 -6.70 21.46
N CYS B 96 12.34 -5.43 21.05
CA CYS B 96 11.96 -5.14 19.68
C CYS B 96 12.79 -3.99 19.13
N THR B 97 12.93 -3.97 17.80
CA THR B 97 13.58 -2.88 17.09
C THR B 97 12.61 -2.38 16.04
N ILE B 98 12.29 -1.08 16.11
N ILE B 98 12.26 -1.09 16.13
CA ILE B 98 11.32 -0.47 15.21
CA ILE B 98 11.32 -0.47 15.21
C ILE B 98 12.02 0.63 14.44
C ILE B 98 12.06 0.61 14.43
N LYS B 99 11.98 0.55 13.12
CA LYS B 99 12.52 1.58 12.24
C LYS B 99 11.35 2.23 11.52
N VAL B 100 11.22 3.56 11.67
CA VAL B 100 10.16 4.32 10.99
C VAL B 100 10.85 5.20 9.94
N ILE B 101 10.40 5.06 8.69
CA ILE B 101 11.05 5.66 7.54
C ILE B 101 10.10 6.67 6.91
N LYS B 102 10.62 7.86 6.63
CA LYS B 102 9.89 8.90 5.93
C LYS B 102 10.62 9.07 4.60
N PRO B 103 10.15 8.42 3.51
CA PRO B 103 10.93 8.45 2.26
C PRO B 103 10.75 9.74 1.47
N ASP B 104 9.70 10.51 1.73
CA ASP B 104 9.37 11.68 0.91
C ASP B 104 9.23 12.93 1.76
N PRO B 105 10.18 13.22 2.64
CA PRO B 105 10.02 14.39 3.51
C PRO B 105 10.17 15.69 2.73
N PRO B 106 9.71 16.81 3.30
CA PRO B 106 9.83 18.11 2.62
C PRO B 106 11.20 18.76 2.80
N ILE B 107 12.26 18.02 2.45
CA ILE B 107 13.64 18.47 2.53
C ILE B 107 14.14 18.71 1.11
N PRO B 108 14.43 19.96 0.73
CA PRO B 108 14.97 20.19 -0.62
C PRO B 108 16.34 19.56 -0.76
N GLY B 109 16.45 18.63 -1.69
CA GLY B 109 17.68 17.88 -1.87
C GLY B 109 17.38 16.51 -2.46
N HIS B 110 18.42 15.69 -2.53
CA HIS B 110 18.34 14.39 -3.18
C HIS B 110 18.85 13.30 -2.24
N TYR B 111 18.01 12.31 -1.96
CA TYR B 111 18.27 11.28 -0.95
C TYR B 111 17.21 10.21 -1.15
N ARG B 112 17.42 9.05 -0.52
N ARG B 112 17.42 9.06 -0.51
CA ARG B 112 16.40 8.02 -0.55
CA ARG B 112 16.41 8.01 -0.54
C ARG B 112 15.36 8.20 0.56
C ARG B 112 15.37 8.16 0.57
N ALA B 113 15.80 8.46 1.80
CA ALA B 113 14.87 8.52 2.92
C ALA B 113 15.57 9.07 4.15
N VAL B 114 14.76 9.54 5.10
CA VAL B 114 15.20 9.76 6.47
C VAL B 114 14.47 8.75 7.35
N ALA B 115 15.05 8.44 8.51
CA ALA B 115 14.47 7.39 9.35
C ALA B 115 14.94 7.54 10.79
N VAL B 116 14.15 6.98 11.71
CA VAL B 116 14.56 6.79 13.09
C VAL B 116 14.47 5.30 13.41
N GLU B 117 15.31 4.86 14.35
CA GLU B 117 15.30 3.45 14.74
C GLU B 117 15.56 3.35 16.23
N ILE B 118 14.70 2.61 16.93
CA ILE B 118 14.86 2.41 18.37
C ILE B 118 14.79 0.92 18.70
N THR B 119 15.49 0.55 19.77
CA THR B 119 15.40 -0.79 20.34
C THR B 119 14.92 -0.65 21.78
N ARG B 120 13.89 -1.41 22.14
CA ARG B 120 13.26 -1.29 23.44
C ARG B 120 13.08 -2.65 24.09
N GLU B 121 13.27 -2.70 25.40
CA GLU B 121 13.00 -3.87 26.23
C GLU B 121 12.41 -3.39 27.54
N ARG B 122 11.92 -4.33 28.35
CA ARG B 122 11.32 -3.96 29.62
C ARG B 122 12.40 -3.74 30.68
N PRO B 123 12.08 -2.96 31.74
CA PRO B 123 13.01 -2.77 32.87
C PRO B 123 13.39 -4.09 33.53
#